data_5F79
#
_entry.id   5F79
#
_cell.length_a   80.970
_cell.length_b   80.970
_cell.length_c   54.620
_cell.angle_alpha   90.000
_cell.angle_beta   90.000
_cell.angle_gamma   120.000
#
_symmetry.space_group_name_H-M   'P 65'
#
loop_
_entity.id
_entity.type
_entity.pdbx_description
1 polymer 'Polymerase basic protein 2'
2 non-polymer N-[(1R,3S)-3-({5-fluoro-2-[5-fluoro-2-(hydroxymethyl)-1H-pyrrolo[2,3-b]pyridin-3-yl]pyrimidin-4-yl}amino)cyclohexyl]pyrrolidine-1-carboxamide
3 water water
#
_entity_poly.entity_id   1
_entity_poly.type   'polypeptide(L)'
_entity_poly.pdbx_seq_one_letter_code
;GHMRISSSFSFGGFTFKRTSGSSIKREEEVLTGNLQTLKIRVHEGYEEFTMVGKRATAILRKATRRLVQLIVSGKDEQSI
AEAIIVAMVFSQEDCMIKAVRGDLNFVNRANQRLNPMHQLLRHFQKDAKVLFQNWGIEHIDNVMGMVGVLPDMTPSTEMS
MRGIRVSKM
;
_entity_poly.pdbx_strand_id   A
#
loop_
_chem_comp.id
_chem_comp.type
_chem_comp.name
_chem_comp.formula
4V7 non-polymer N-[(1R,3S)-3-({5-fluoro-2-[5-fluoro-2-(hydroxymethyl)-1H-pyrrolo[2,3-b]pyridin-3-yl]pyrimidin-4-yl}amino)cyclohexyl]pyrrolidine-1-carboxamide 'C23 H27 F2 N7 O2'
#
# COMPACT_ATOMS: atom_id res chain seq x y z
N SER A 7 -0.50 -15.17 13.99
CA SER A 7 -0.89 -13.75 14.00
C SER A 7 -1.44 -13.27 12.61
N SER A 8 -2.67 -13.72 12.33
CA SER A 8 -3.42 -13.42 11.11
C SER A 8 -4.48 -12.33 11.36
N PHE A 9 -4.41 -11.20 10.63
CA PHE A 9 -5.39 -10.11 10.75
C PHE A 9 -6.05 -9.74 9.41
N SER A 10 -7.12 -8.95 9.45
CA SER A 10 -7.84 -8.50 8.26
C SER A 10 -7.67 -6.98 8.02
N PHE A 11 -7.56 -6.55 6.75
CA PHE A 11 -7.44 -5.12 6.36
C PHE A 11 -7.76 -4.94 4.90
N GLY A 12 -8.73 -4.07 4.61
CA GLY A 12 -9.16 -3.76 3.24
C GLY A 12 -9.68 -4.89 2.39
N GLY A 13 -10.23 -5.92 3.04
CA GLY A 13 -10.74 -7.13 2.42
C GLY A 13 -9.68 -8.20 2.23
N PHE A 14 -8.49 -7.98 2.80
CA PHE A 14 -7.39 -8.94 2.69
C PHE A 14 -7.02 -9.50 4.04
N THR A 15 -6.75 -10.81 4.06
CA THR A 15 -6.24 -11.53 5.22
C THR A 15 -4.70 -11.43 5.13
N PHE A 16 -4.10 -10.78 6.10
CA PHE A 16 -2.65 -10.65 6.15
C PHE A 16 -2.15 -11.72 7.10
N LYS A 17 -1.00 -12.32 6.78
CA LYS A 17 -0.38 -13.36 7.58
C LYS A 17 1.10 -13.16 7.51
N ARG A 18 1.72 -12.89 8.66
CA ARG A 18 3.17 -12.67 8.74
C ARG A 18 3.92 -13.99 8.53
N THR A 19 4.92 -13.98 7.63
CA THR A 19 5.72 -15.16 7.33
C THR A 19 7.18 -15.03 7.79
N SER A 20 7.64 -13.80 8.10
CA SER A 20 8.99 -13.47 8.59
CA SER A 20 8.99 -13.46 8.58
C SER A 20 8.99 -12.09 9.23
N GLY A 21 9.97 -11.87 10.11
CA GLY A 21 10.16 -10.63 10.83
C GLY A 21 9.32 -10.46 12.08
N SER A 22 9.53 -9.34 12.75
CA SER A 22 8.88 -8.95 14.00
C SER A 22 8.66 -7.45 13.97
N SER A 23 7.86 -6.92 14.92
CA SER A 23 7.59 -5.48 15.03
C SER A 23 7.03 -5.06 16.39
N ILE A 24 7.33 -3.82 16.76
CA ILE A 24 6.83 -3.15 17.96
C ILE A 24 6.01 -2.00 17.49
N LYS A 25 5.00 -1.58 18.25
CA LYS A 25 4.16 -0.45 17.86
C LYS A 25 4.59 0.86 18.53
N ARG A 26 4.53 1.94 17.78
CA ARG A 26 4.82 3.30 18.27
C ARG A 26 3.71 4.18 17.67
N GLU A 27 2.95 4.88 18.52
CA GLU A 27 1.96 5.84 18.04
C GLU A 27 2.79 7.03 17.56
N GLU A 28 2.51 7.50 16.34
CA GLU A 28 3.25 8.59 15.69
C GLU A 28 2.38 9.58 14.98
N GLU A 29 2.83 10.83 14.90
CA GLU A 29 2.16 11.87 14.16
C GLU A 29 2.79 12.06 12.76
N VAL A 30 1.93 12.19 11.72
CA VAL A 30 2.34 12.32 10.32
C VAL A 30 1.63 13.51 9.65
N LEU A 31 2.24 14.12 8.62
CA LEU A 31 1.63 15.24 7.91
C LEU A 31 1.21 14.81 6.52
N THR A 32 -0.05 15.08 6.13
CA THR A 32 -0.54 14.75 4.79
C THR A 32 -0.02 15.82 3.81
N GLY A 33 -0.39 15.68 2.53
CA GLY A 33 -0.08 16.67 1.50
C GLY A 33 -0.80 17.98 1.76
N ASN A 34 -1.89 17.93 2.55
CA ASN A 34 -2.68 19.09 2.99
C ASN A 34 -2.16 19.63 4.30
N LEU A 35 -1.03 19.07 4.81
CA LEU A 35 -0.34 19.46 6.04
C LEU A 35 -1.25 19.32 7.27
N GLN A 36 -2.02 18.26 7.25
CA GLN A 36 -2.95 17.87 8.30
C GLN A 36 -2.21 16.79 9.10
N THR A 37 -2.25 16.91 10.43
CA THR A 37 -1.61 15.97 11.35
C THR A 37 -2.53 14.77 11.66
N LEU A 38 -2.04 13.55 11.37
CA LEU A 38 -2.76 12.33 11.71
C LEU A 38 -1.91 11.58 12.71
N LYS A 39 -2.56 10.96 13.68
CA LYS A 39 -1.87 10.10 14.62
C LYS A 39 -2.09 8.68 14.10
N ILE A 40 -1.01 7.94 13.82
CA ILE A 40 -1.07 6.55 13.32
C ILE A 40 -0.29 5.59 14.22
N ARG A 41 -0.75 4.33 14.29
CA ARG A 41 -0.02 3.32 15.03
C ARG A 41 1.01 2.68 14.07
N VAL A 42 2.28 3.00 14.26
CA VAL A 42 3.38 2.54 13.42
C VAL A 42 4.01 1.25 13.92
N HIS A 43 4.17 0.30 13.01
CA HIS A 43 4.82 -0.98 13.28
C HIS A 43 6.25 -0.85 12.78
N GLU A 44 7.15 -0.92 13.70
CA GLU A 44 8.54 -0.78 13.39
C GLU A 44 9.17 -2.11 13.39
N GLY A 45 9.82 -2.42 12.28
CA GLY A 45 10.51 -3.69 12.08
C GLY A 45 10.25 -4.21 10.69
N TYR A 46 11.23 -4.87 10.11
CA TYR A 46 11.10 -5.47 8.79
C TYR A 46 10.23 -6.73 8.91
N GLU A 47 9.17 -6.80 8.09
CA GLU A 47 8.23 -7.92 8.08
C GLU A 47 7.89 -8.36 6.67
N GLU A 48 7.46 -9.62 6.54
CA GLU A 48 6.96 -10.21 5.29
C GLU A 48 5.61 -10.82 5.56
N PHE A 49 4.68 -10.65 4.61
CA PHE A 49 3.31 -11.14 4.75
C PHE A 49 2.82 -11.74 3.46
N THR A 50 1.78 -12.58 3.61
CA THR A 50 0.99 -12.99 2.47
C THR A 50 -0.30 -12.16 2.62
N MET A 51 -0.86 -11.67 1.49
CA MET A 51 -2.14 -10.94 1.49
C MET A 51 -3.06 -11.80 0.68
N VAL A 52 -4.10 -12.34 1.31
CA VAL A 52 -5.04 -13.19 0.64
C VAL A 52 -6.42 -12.51 0.64
N GLY A 53 -6.92 -12.26 -0.56
CA GLY A 53 -8.24 -11.69 -0.81
C GLY A 53 -9.04 -12.61 -1.71
N LYS A 54 -10.31 -12.27 -1.94
CA LYS A 54 -11.16 -13.07 -2.83
C LYS A 54 -10.75 -12.95 -4.31
N ARG A 55 -10.15 -11.82 -4.74
CA ARG A 55 -9.83 -11.65 -6.17
C ARG A 55 -8.39 -11.38 -6.45
N ALA A 56 -7.57 -11.27 -5.39
CA ALA A 56 -6.14 -11.04 -5.50
C ALA A 56 -5.38 -11.65 -4.31
N THR A 57 -4.11 -11.96 -4.55
CA THR A 57 -3.16 -12.44 -3.54
C THR A 57 -1.84 -11.77 -3.82
N ALA A 58 -1.04 -11.59 -2.77
CA ALA A 58 0.25 -10.93 -2.85
C ALA A 58 1.21 -11.38 -1.77
N ILE A 59 2.50 -11.12 -2.01
CA ILE A 59 3.59 -11.26 -1.07
C ILE A 59 4.06 -9.82 -0.88
N LEU A 60 3.99 -9.36 0.37
CA LEU A 60 4.42 -8.03 0.76
C LEU A 60 5.62 -8.09 1.68
N ARG A 61 6.69 -7.40 1.29
CA ARG A 61 7.94 -7.24 2.04
C ARG A 61 8.02 -5.77 2.42
N LYS A 62 8.09 -5.47 3.72
CA LYS A 62 8.15 -4.08 4.19
C LYS A 62 9.04 -3.82 5.42
N ALA A 63 9.70 -2.65 5.42
CA ALA A 63 10.48 -2.09 6.54
C ALA A 63 9.59 -0.98 7.18
N THR A 64 10.02 -0.41 8.31
CA THR A 64 9.24 0.63 8.98
C THR A 64 8.84 1.77 8.06
N ARG A 65 7.51 1.89 7.78
CA ARG A 65 6.90 2.94 6.95
C ARG A 65 7.52 2.97 5.54
N ARG A 66 7.87 1.81 5.03
CA ARG A 66 8.52 1.69 3.74
C ARG A 66 8.24 0.33 3.11
N LEU A 67 7.60 0.32 1.94
CA LEU A 67 7.30 -0.89 1.17
C LEU A 67 8.59 -1.23 0.40
N VAL A 68 9.15 -2.42 0.62
CA VAL A 68 10.37 -2.86 -0.07
C VAL A 68 9.96 -3.53 -1.40
N GLN A 69 8.99 -4.46 -1.36
CA GLN A 69 8.52 -5.16 -2.54
C GLN A 69 7.09 -5.69 -2.37
N LEU A 70 6.33 -5.72 -3.47
CA LEU A 70 4.99 -6.30 -3.52
C LEU A 70 4.80 -7.04 -4.85
N ILE A 71 4.61 -8.34 -4.76
CA ILE A 71 4.35 -9.19 -5.92
C ILE A 71 2.86 -9.55 -5.85
N VAL A 72 2.08 -9.02 -6.82
CA VAL A 72 0.63 -9.18 -6.89
C VAL A 72 0.17 -10.11 -7.97
N SER A 73 -0.85 -10.90 -7.64
CA SER A 73 -1.51 -11.83 -8.54
C SER A 73 -3.01 -11.65 -8.33
N GLY A 74 -3.79 -11.63 -9.40
CA GLY A 74 -5.23 -11.42 -9.24
C GLY A 74 -6.06 -11.71 -10.45
N LYS A 75 -7.40 -11.57 -10.32
CA LYS A 75 -8.40 -11.82 -11.36
C LYS A 75 -8.21 -10.92 -12.60
N ASP A 76 -7.92 -9.64 -12.39
CA ASP A 76 -7.77 -8.64 -13.46
C ASP A 76 -7.13 -7.40 -12.87
N GLU A 77 -6.94 -6.37 -13.69
CA GLU A 77 -6.32 -5.06 -13.38
C GLU A 77 -6.94 -4.39 -12.13
N GLN A 78 -8.29 -4.33 -12.09
CA GLN A 78 -9.05 -3.73 -11.00
C GLN A 78 -8.82 -4.45 -9.67
N SER A 79 -8.83 -5.79 -9.69
CA SER A 79 -8.56 -6.66 -8.53
C SER A 79 -7.16 -6.41 -8.00
N ILE A 80 -6.17 -6.31 -8.92
CA ILE A 80 -4.74 -6.11 -8.65
C ILE A 80 -4.50 -4.71 -8.10
N ALA A 81 -5.09 -3.66 -8.70
CA ALA A 81 -4.97 -2.26 -8.24
C ALA A 81 -5.49 -2.15 -6.82
N GLU A 82 -6.62 -2.81 -6.51
CA GLU A 82 -7.26 -2.88 -5.21
C GLU A 82 -6.25 -3.43 -4.15
N ALA A 83 -5.54 -4.53 -4.47
CA ALA A 83 -4.51 -5.12 -3.62
C ALA A 83 -3.28 -4.19 -3.49
N ILE A 84 -2.94 -3.43 -4.55
CA ILE A 84 -1.83 -2.48 -4.54
C ILE A 84 -2.14 -1.29 -3.57
N ILE A 85 -3.37 -0.76 -3.65
CA ILE A 85 -3.83 0.34 -2.81
C ILE A 85 -3.76 -0.07 -1.33
N VAL A 86 -4.33 -1.24 -0.97
CA VAL A 86 -4.30 -1.78 0.37
C VAL A 86 -2.85 -1.88 0.87
N ALA A 87 -1.97 -2.50 0.05
CA ALA A 87 -0.56 -2.65 0.37
C ALA A 87 0.14 -1.31 0.60
N MET A 88 -0.13 -0.30 -0.25
CA MET A 88 0.47 1.04 -0.14
C MET A 88 0.00 1.80 1.11
N VAL A 89 -1.29 1.67 1.47
CA VAL A 89 -1.84 2.30 2.66
C VAL A 89 -1.25 1.61 3.91
N PHE A 90 -1.29 0.27 3.94
CA PHE A 90 -0.73 -0.59 4.99
C PHE A 90 0.77 -0.33 5.25
N SER A 91 1.56 -0.06 4.20
CA SER A 91 3.01 0.22 4.29
C SER A 91 3.29 1.47 5.18
N GLN A 92 2.32 2.41 5.25
CA GLN A 92 2.37 3.68 6.00
C GLN A 92 3.43 4.65 5.44
N GLU A 93 3.89 4.41 4.20
CA GLU A 93 4.92 5.20 3.54
C GLU A 93 4.55 6.68 3.51
N ASP A 94 5.55 7.54 3.70
CA ASP A 94 5.38 8.98 3.64
C ASP A 94 4.73 9.42 2.30
N CYS A 95 5.18 8.88 1.16
CA CYS A 95 4.60 9.29 -0.11
C CYS A 95 3.09 8.96 -0.23
N MET A 96 2.63 7.92 0.50
CA MET A 96 1.21 7.57 0.49
C MET A 96 0.47 8.64 1.31
N ILE A 97 1.02 9.01 2.49
CA ILE A 97 0.46 10.03 3.39
C ILE A 97 0.46 11.42 2.70
N LYS A 98 1.58 11.80 2.05
CA LYS A 98 1.73 13.05 1.29
C LYS A 98 0.84 13.14 0.03
N ALA A 99 0.31 11.99 -0.45
CA ALA A 99 -0.60 11.91 -1.60
C ALA A 99 -2.01 12.30 -1.20
N VAL A 100 -2.29 12.49 0.12
CA VAL A 100 -3.59 12.94 0.62
C VAL A 100 -3.57 14.46 0.50
N ARG A 101 -4.10 15.02 -0.59
CA ARG A 101 -4.09 16.46 -0.76
C ARG A 101 -5.30 17.00 -1.50
N GLY A 102 -5.45 18.33 -1.45
CA GLY A 102 -6.51 19.07 -2.15
C GLY A 102 -7.80 19.27 -1.40
N ASP A 103 -8.75 19.96 -2.04
CA ASP A 103 -10.09 20.30 -1.57
C ASP A 103 -10.88 19.07 -1.05
N LEU A 104 -11.50 19.21 0.16
CA LEU A 104 -12.29 18.19 0.86
C LEU A 104 -11.47 17.00 1.37
N ASN A 105 -10.27 16.76 0.82
CA ASN A 105 -9.40 15.64 1.20
C ASN A 105 -8.76 15.88 2.55
N PHE A 106 -9.54 15.54 3.58
CA PHE A 106 -9.26 15.66 4.99
C PHE A 106 -9.88 14.47 5.72
N VAL A 107 -9.23 14.07 6.80
CA VAL A 107 -9.59 12.95 7.65
C VAL A 107 -10.27 13.50 8.94
N ASN A 108 -11.52 13.04 9.23
CA ASN A 108 -12.27 13.44 10.42
C ASN A 108 -11.66 12.81 11.70
N ARG A 109 -10.80 13.60 12.40
CA ARG A 109 -10.08 13.19 13.62
C ARG A 109 -10.69 13.76 14.92
N ALA A 110 -11.92 14.29 14.85
CA ALA A 110 -12.65 14.84 16.01
C ALA A 110 -13.03 13.72 16.99
N ASN A 111 -13.23 12.48 16.46
CA ASN A 111 -13.48 11.25 17.19
C ASN A 111 -12.19 10.42 17.08
N GLN A 112 -11.38 10.49 18.16
CA GLN A 112 -10.06 9.85 18.33
C GLN A 112 -10.06 8.31 18.27
N ARG A 113 -11.22 7.66 18.56
CA ARG A 113 -11.36 6.20 18.53
C ARG A 113 -11.41 5.66 17.09
N LEU A 114 -11.81 6.51 16.10
CA LEU A 114 -11.87 6.17 14.67
C LEU A 114 -10.48 5.82 14.11
N ASN A 115 -10.43 5.05 13.00
CA ASN A 115 -9.16 4.62 12.42
C ASN A 115 -8.68 5.46 11.25
N PRO A 116 -7.52 6.16 11.41
CA PRO A 116 -6.98 6.95 10.29
C PRO A 116 -6.50 6.08 9.10
N MET A 117 -6.09 4.82 9.37
CA MET A 117 -5.69 3.84 8.35
C MET A 117 -6.90 3.46 7.48
N HIS A 118 -8.09 3.30 8.09
CA HIS A 118 -9.30 3.03 7.34
C HIS A 118 -9.78 4.30 6.60
N GLN A 119 -9.46 5.49 7.12
CA GLN A 119 -9.83 6.71 6.42
C GLN A 119 -8.90 6.97 5.24
N LEU A 120 -7.62 6.58 5.36
CA LEU A 120 -6.64 6.66 4.27
C LEU A 120 -7.03 5.68 3.18
N LEU A 121 -7.47 4.48 3.56
CA LEU A 121 -7.89 3.47 2.62
C LEU A 121 -9.11 3.95 1.79
N ARG A 122 -10.22 4.43 2.47
CA ARG A 122 -11.42 4.96 1.80
C ARG A 122 -11.05 6.04 0.81
N HIS A 123 -10.15 6.94 1.23
CA HIS A 123 -9.64 8.03 0.38
C HIS A 123 -9.02 7.49 -0.94
N PHE A 124 -8.10 6.53 -0.84
CA PHE A 124 -7.40 5.98 -2.00
C PHE A 124 -8.23 4.97 -2.81
N GLN A 125 -9.23 4.32 -2.19
CA GLN A 125 -10.17 3.45 -2.91
C GLN A 125 -11.01 4.25 -3.90
N LYS A 126 -11.41 5.50 -3.54
CA LYS A 126 -12.20 6.42 -4.37
C LYS A 126 -11.47 6.82 -5.64
N ASP A 127 -10.16 7.15 -5.51
CA ASP A 127 -9.26 7.54 -6.60
C ASP A 127 -7.80 7.39 -6.15
N ALA A 128 -7.10 6.43 -6.75
CA ALA A 128 -5.70 6.12 -6.46
C ALA A 128 -4.76 6.79 -7.45
N LYS A 129 -5.29 7.68 -8.31
CA LYS A 129 -4.52 8.37 -9.33
C LYS A 129 -3.38 9.17 -8.71
N VAL A 130 -3.68 10.03 -7.71
CA VAL A 130 -2.67 10.84 -7.01
C VAL A 130 -1.67 9.92 -6.31
N LEU A 131 -2.19 8.85 -5.68
CA LEU A 131 -1.41 7.82 -4.97
C LEU A 131 -0.36 7.17 -5.87
N PHE A 132 -0.81 6.57 -6.98
CA PHE A 132 0.02 5.90 -7.96
C PHE A 132 1.02 6.83 -8.68
N GLN A 133 0.57 8.05 -9.06
CA GLN A 133 1.45 9.02 -9.73
C GLN A 133 2.51 9.58 -8.76
N ASN A 134 2.18 9.66 -7.46
CA ASN A 134 3.08 10.23 -6.44
C ASN A 134 3.97 9.19 -5.77
N TRP A 135 3.74 7.91 -6.06
CA TRP A 135 4.47 6.78 -5.49
C TRP A 135 5.90 6.70 -6.05
N GLY A 136 6.06 7.14 -7.29
CA GLY A 136 7.32 7.07 -8.01
C GLY A 136 7.45 5.81 -8.84
N ILE A 137 8.19 5.89 -9.96
CA ILE A 137 8.43 4.76 -10.87
C ILE A 137 9.91 4.39 -10.92
N GLU A 138 10.21 3.15 -11.35
CA GLU A 138 11.58 2.62 -11.43
C GLU A 138 11.79 1.67 -12.61
N HIS A 139 13.02 1.59 -13.12
CA HIS A 139 13.44 0.67 -14.18
C HIS A 139 13.43 -0.72 -13.56
N ILE A 140 13.02 -1.74 -14.33
CA ILE A 140 12.89 -3.10 -13.78
C ILE A 140 13.81 -4.11 -14.44
N ASP A 141 14.18 -5.15 -13.69
CA ASP A 141 15.08 -6.23 -14.10
C ASP A 141 14.43 -7.26 -15.06
N ASN A 142 15.14 -8.38 -15.35
CA ASN A 142 14.70 -9.45 -16.26
C ASN A 142 13.39 -10.11 -15.81
N VAL A 143 13.46 -10.89 -14.69
CA VAL A 143 12.44 -11.71 -14.02
C VAL A 143 11.20 -11.94 -14.92
N MET A 144 11.27 -12.95 -15.80
CA MET A 144 10.17 -13.29 -16.70
C MET A 144 9.06 -13.95 -15.89
N GLY A 145 7.81 -13.68 -16.27
CA GLY A 145 6.63 -14.19 -15.58
C GLY A 145 6.07 -13.17 -14.60
N MET A 146 6.89 -12.12 -14.36
CA MET A 146 6.65 -10.97 -13.50
C MET A 146 6.77 -9.73 -14.35
N VAL A 147 5.69 -8.94 -14.40
CA VAL A 147 5.68 -7.71 -15.20
C VAL A 147 5.57 -6.46 -14.30
N GLY A 148 6.02 -5.35 -14.85
CA GLY A 148 5.93 -4.06 -14.21
C GLY A 148 4.56 -3.50 -14.47
N VAL A 149 4.17 -2.55 -13.64
CA VAL A 149 2.88 -1.93 -13.81
C VAL A 149 3.05 -0.40 -13.58
N LEU A 150 2.59 0.36 -14.58
CA LEU A 150 2.68 1.81 -14.62
C LEU A 150 1.57 2.44 -13.79
N PRO A 151 1.68 3.70 -13.30
CA PRO A 151 0.59 4.30 -12.50
C PRO A 151 -0.82 4.25 -13.10
N ASP A 152 -0.97 4.00 -14.44
CA ASP A 152 -2.29 3.89 -15.08
C ASP A 152 -2.72 2.43 -15.23
N MET A 153 -1.89 1.51 -14.70
CA MET A 153 -2.08 0.05 -14.63
C MET A 153 -1.82 -0.66 -15.96
N THR A 154 -1.03 -0.03 -16.84
CA THR A 154 -0.59 -0.62 -18.11
C THR A 154 0.58 -1.53 -17.79
N PRO A 155 0.59 -2.78 -18.29
CA PRO A 155 1.76 -3.65 -18.04
C PRO A 155 2.98 -3.12 -18.79
N SER A 156 4.15 -3.17 -18.16
CA SER A 156 5.38 -2.74 -18.81
C SER A 156 6.49 -3.70 -18.46
N THR A 157 7.40 -3.93 -19.41
CA THR A 157 8.56 -4.82 -19.23
C THR A 157 9.82 -4.01 -18.86
N GLU A 158 9.77 -2.67 -19.06
CA GLU A 158 10.87 -1.75 -18.79
C GLU A 158 10.67 -0.89 -17.52
N MET A 159 9.42 -0.54 -17.17
CA MET A 159 9.14 0.32 -16.01
C MET A 159 7.98 -0.12 -15.12
N SER A 160 8.08 0.19 -13.82
CA SER A 160 7.05 -0.14 -12.85
C SER A 160 7.00 0.83 -11.69
N MET A 161 5.86 0.80 -10.96
CA MET A 161 5.71 1.58 -9.73
C MET A 161 6.74 0.98 -8.78
N ARG A 162 7.51 1.86 -8.11
CA ARG A 162 8.56 1.47 -7.19
C ARG A 162 8.18 0.28 -6.25
N GLY A 163 8.88 -0.84 -6.42
CA GLY A 163 8.73 -2.06 -5.64
C GLY A 163 7.60 -2.99 -6.00
N ILE A 164 6.71 -2.59 -6.95
CA ILE A 164 5.52 -3.33 -7.36
C ILE A 164 5.78 -4.18 -8.60
N ARG A 165 5.40 -5.47 -8.52
CA ARG A 165 5.49 -6.40 -9.64
C ARG A 165 4.19 -7.22 -9.72
N VAL A 166 3.73 -7.51 -10.95
CA VAL A 166 2.54 -8.32 -11.21
C VAL A 166 2.97 -9.72 -11.70
N SER A 167 2.49 -10.76 -11.01
CA SER A 167 2.72 -12.15 -11.35
C SER A 167 1.48 -12.72 -12.07
N LYS A 168 1.66 -13.74 -12.92
CA LYS A 168 0.57 -14.41 -13.65
C LYS A 168 -0.20 -15.31 -12.67
N MET A 169 -1.52 -15.24 -12.73
CA MET A 169 -2.44 -15.96 -11.86
C MET A 169 -2.52 -17.44 -12.24
N 4V7 B . 2.41 -2.83 9.61
C 4V7 B . -0.28 -2.86 10.61
F1 4V7 B . -0.64 -0.80 9.52
C1 4V7 B . 0.21 -1.82 9.84
C2 4V7 B . 1.59 -1.80 9.32
C3 4V7 B . 1.91 -3.82 10.38
N1 4V7 B . 2.64 -4.88 10.88
C6 4V7 B . 1.84 -5.65 11.70
C7 4V7 B . 2.42 -6.83 12.41
C5 4V7 B . 0.57 -5.10 11.72
C4 4V7 B . 0.60 -3.91 10.87
C8 4V7 B . -0.61 -5.58 12.45
N3 4V7 B . -1.76 -4.90 12.31
C11 4V7 B . -2.86 -5.37 12.93
C10 4V7 B . -2.79 -6.54 13.68
F 4V7 B . -3.89 -7.08 14.27
C9 4V7 B . -1.53 -7.20 13.81
N2 4V7 B . -0.44 -6.71 13.20
N4 4V7 B . -4.01 -4.69 12.84
C12 4V7 B . -4.40 -3.43 12.23
C17 4V7 B . -5.49 -2.78 13.08
C16 4V7 B . -6.01 -1.46 12.50
C15 4V7 B . -6.48 -1.66 11.07
C14 4V7 B . -5.39 -2.30 10.21
C13 4V7 B . -4.88 -3.61 10.80
N5 4V7 B . -7.07 -0.89 13.35
C18 4V7 B . -8.08 -1.61 13.93
O1 4V7 B . -8.45 -2.72 13.58
N6 4V7 B . -8.67 -0.96 14.98
C22 4V7 B . -10.01 -0.38 14.87
C21 4V7 B . -10.43 -0.21 16.31
C20 4V7 B . -9.15 0.09 17.03
C19 4V7 B . -8.11 -0.76 16.33
#